data_3MAN
#
_entry.id   3MAN
#
_cell.length_a   46.869
_cell.length_b   71.729
_cell.length_c   98.129
_cell.angle_alpha   90.00
_cell.angle_beta   90.00
_cell.angle_gamma   90.00
#
_symmetry.space_group_name_H-M   'P 21 21 21'
#
loop_
_entity.id
_entity.type
_entity.pdbx_description
1 polymer 'PROTEIN (BETA-MANNANASE)'
2 branched beta-D-mannopyranose-(1-4)-beta-D-mannopyranose-(1-4)-alpha-D-mannopyranose
3 water water
#
_entity_poly.entity_id   1
_entity_poly.type   'polypeptide(L)'
_entity_poly.pdbx_seq_one_letter_code
;ATGLHVKNGRLYEANGQEFIIRGVSHPHNWYPQHTQAFADIKSHGANTVRVVLSNGVRWSKNGPSDVANVISLCKQNRLI
CMLEVHDTTGYGEQSGASTLDQAVDYWIELKSVLQGEEDYVLINIGNEPYGNDSATVAAWATDTSAAIQRLRAAGFEHTL
VVDAPNWGQDWTNTMRNNADQVYASDPTGNTVFSIHMYGVYSQASTITSYLEHFVNAGLPLIIGEFGHDHSDGNPDEDTI
MAEAERLKLGYIGWSWSGNGGGVEYLDMVYNFDGDNLSPWGERIFYGPNGIASTAKEAVIFG
;
_entity_poly.pdbx_strand_id   A
#
# COMPACT_ATOMS: atom_id res chain seq x y z
N ALA A 1 -4.32 -21.67 -1.00
CA ALA A 1 -3.14 -21.81 -0.12
C ALA A 1 -2.67 -20.41 0.31
N THR A 2 -2.00 -20.35 1.44
CA THR A 2 -1.47 -19.05 1.88
C THR A 2 -0.06 -18.90 1.36
N GLY A 3 0.36 -17.66 1.11
CA GLY A 3 1.70 -17.35 0.61
C GLY A 3 2.27 -16.33 1.59
N LEU A 4 2.26 -15.07 1.19
CA LEU A 4 2.70 -14.02 2.13
C LEU A 4 1.76 -14.07 3.32
N HIS A 5 2.27 -13.97 4.53
CA HIS A 5 1.42 -14.05 5.71
C HIS A 5 2.05 -13.30 6.87
N VAL A 6 1.26 -13.12 7.93
CA VAL A 6 1.72 -12.43 9.11
C VAL A 6 1.97 -13.41 10.25
N LYS A 7 3.07 -13.23 10.96
CA LYS A 7 3.37 -14.00 12.17
C LYS A 7 4.01 -13.04 13.16
N ASN A 8 3.54 -13.01 14.40
CA ASN A 8 4.12 -12.17 15.43
C ASN A 8 4.31 -10.71 15.01
N GLY A 9 3.32 -10.15 14.32
CA GLY A 9 3.34 -8.75 13.93
C GLY A 9 4.19 -8.41 12.73
N ARG A 10 4.74 -9.38 12.01
CA ARG A 10 5.63 -9.13 10.89
C ARG A 10 5.21 -9.92 9.66
N LEU A 11 5.72 -9.50 8.50
CA LEU A 11 5.32 -10.09 7.23
C LEU A 11 6.36 -11.08 6.74
N TYR A 12 5.91 -12.29 6.40
CA TYR A 12 6.75 -13.37 5.94
C TYR A 12 6.30 -14.03 4.65
N GLU A 13 7.28 -14.52 3.91
CA GLU A 13 7.01 -15.33 2.71
C GLU A 13 6.68 -16.72 3.24
N ALA A 14 6.10 -17.57 2.40
CA ALA A 14 5.69 -18.91 2.82
C ALA A 14 6.83 -19.79 3.29
N ASN A 15 8.06 -19.52 2.88
CA ASN A 15 9.22 -20.29 3.34
C ASN A 15 9.73 -19.83 4.70
N GLY A 16 9.12 -18.80 5.31
CA GLY A 16 9.53 -18.35 6.63
C GLY A 16 10.51 -17.20 6.61
N GLN A 17 10.85 -16.68 5.43
CA GLN A 17 11.78 -15.54 5.36
C GLN A 17 10.99 -14.24 5.52
N GLU A 18 11.45 -13.40 6.41
CA GLU A 18 10.75 -12.11 6.62
C GLU A 18 10.85 -11.25 5.37
N PHE A 19 9.80 -10.51 5.05
CA PHE A 19 9.80 -9.62 3.91
C PHE A 19 9.56 -8.18 4.35
N ILE A 20 10.49 -7.30 4.02
CA ILE A 20 10.42 -5.88 4.36
C ILE A 20 10.26 -5.10 3.06
N ILE A 21 9.05 -4.59 2.88
CA ILE A 21 8.68 -3.85 1.67
C ILE A 21 9.48 -2.58 1.52
N ARG A 22 10.02 -2.37 0.31
CA ARG A 22 10.77 -1.18 -0.07
C ARG A 22 10.33 -0.91 -1.50
N GLY A 23 9.31 -0.04 -1.64
CA GLY A 23 8.75 0.15 -2.97
C GLY A 23 8.23 1.53 -3.22
N VAL A 24 7.55 1.62 -4.39
CA VAL A 24 6.91 2.86 -4.81
C VAL A 24 5.55 2.57 -5.45
N SER A 25 4.71 3.58 -5.51
CA SER A 25 3.43 3.46 -6.20
C SER A 25 3.57 3.85 -7.66
N HIS A 26 2.84 3.16 -8.54
CA HIS A 26 2.82 3.44 -9.97
C HIS A 26 1.36 3.64 -10.40
N PRO A 27 1.05 4.75 -11.05
CA PRO A 27 -0.32 5.11 -11.41
C PRO A 27 -0.84 4.42 -12.65
N HIS A 28 -0.90 3.11 -12.62
CA HIS A 28 -1.30 2.30 -13.76
C HIS A 28 -2.64 2.69 -14.33
N ASN A 29 -3.67 2.88 -13.49
CA ASN A 29 -4.99 3.18 -14.04
C ASN A 29 -4.99 4.41 -14.93
N TRP A 30 -4.24 5.44 -14.53
CA TRP A 30 -4.27 6.71 -15.23
C TRP A 30 -3.31 6.77 -16.40
N TYR A 31 -2.32 5.90 -16.43
CA TYR A 31 -1.28 5.87 -17.46
C TYR A 31 -1.03 4.43 -17.89
N PRO A 32 -2.01 3.78 -18.53
CA PRO A 32 -1.88 2.41 -18.95
C PRO A 32 -0.81 2.20 -20.01
N GLN A 33 -0.42 3.25 -20.71
CA GLN A 33 0.61 3.21 -21.75
C GLN A 33 2.01 3.07 -21.19
N HIS A 34 2.17 3.32 -19.87
CA HIS A 34 3.49 3.29 -19.27
C HIS A 34 3.82 2.01 -18.51
N THR A 35 3.61 0.86 -19.13
CA THR A 35 3.91 -0.43 -18.50
C THR A 35 5.39 -0.71 -18.40
N GLN A 36 6.26 0.08 -19.03
CA GLN A 36 7.69 -0.05 -18.89
C GLN A 36 8.11 0.32 -17.46
N ALA A 37 7.24 1.05 -16.74
CA ALA A 37 7.59 1.46 -15.38
C ALA A 37 7.94 0.28 -14.50
N PHE A 38 7.31 -0.89 -14.69
CA PHE A 38 7.60 -2.02 -13.80
C PHE A 38 9.07 -2.39 -13.88
N ALA A 39 9.62 -2.49 -15.08
CA ALA A 39 11.04 -2.78 -15.26
C ALA A 39 11.93 -1.66 -14.73
N ASP A 40 11.53 -0.42 -14.98
CA ASP A 40 12.29 0.74 -14.54
C ASP A 40 12.37 0.83 -13.00
N ILE A 41 11.25 0.56 -12.35
CA ILE A 41 11.21 0.58 -10.88
C ILE A 41 12.11 -0.49 -10.29
N LYS A 42 12.09 -1.68 -10.90
CA LYS A 42 12.96 -2.77 -10.49
C LYS A 42 14.42 -2.42 -10.67
N SER A 43 14.75 -1.74 -11.77
CA SER A 43 16.14 -1.39 -12.06
C SER A 43 16.78 -0.48 -11.02
N HIS A 44 16.00 0.29 -10.27
CA HIS A 44 16.48 1.16 -9.22
C HIS A 44 16.48 0.48 -7.85
N GLY A 45 16.05 -0.78 -7.81
CA GLY A 45 16.17 -1.58 -6.62
C GLY A 45 14.94 -1.92 -5.82
N ALA A 46 13.79 -1.41 -6.21
CA ALA A 46 12.57 -1.70 -5.44
C ALA A 46 12.26 -3.19 -5.41
N ASN A 47 11.64 -3.67 -4.35
CA ASN A 47 11.21 -5.05 -4.25
C ASN A 47 9.70 -5.22 -4.38
N THR A 48 8.96 -4.12 -4.37
CA THR A 48 7.51 -4.06 -4.40
C THR A 48 7.05 -2.85 -5.20
N VAL A 49 5.93 -3.00 -5.89
CA VAL A 49 5.27 -1.89 -6.55
C VAL A 49 3.80 -1.90 -6.12
N ARG A 50 3.29 -0.76 -5.70
CA ARG A 50 1.90 -0.55 -5.35
C ARG A 50 1.24 -0.03 -6.61
N VAL A 51 0.27 -0.74 -7.12
CA VAL A 51 -0.35 -0.47 -8.42
C VAL A 51 -1.74 0.15 -8.28
N VAL A 52 -1.90 1.37 -8.81
CA VAL A 52 -3.18 2.04 -8.75
C VAL A 52 -4.16 1.42 -9.73
N LEU A 53 -5.25 0.86 -9.21
CA LEU A 53 -6.34 0.31 -9.99
C LEU A 53 -7.64 1.06 -9.69
N SER A 54 -8.65 0.88 -10.51
CA SER A 54 -9.96 1.43 -10.28
C SER A 54 -11.03 0.34 -10.35
N ASN A 55 -12.07 0.52 -9.51
CA ASN A 55 -13.19 -0.42 -9.55
C ASN A 55 -14.31 0.14 -10.44
N GLY A 56 -14.07 1.25 -11.11
CA GLY A 56 -15.04 1.83 -12.02
C GLY A 56 -15.99 2.85 -11.42
N VAL A 57 -15.86 3.16 -10.13
CA VAL A 57 -16.75 4.11 -9.48
C VAL A 57 -16.41 5.54 -9.85
N ARG A 58 -15.15 5.94 -9.71
CA ARG A 58 -14.71 7.27 -10.07
C ARG A 58 -13.91 7.25 -11.38
N TRP A 59 -13.11 6.23 -11.61
CA TRP A 59 -12.31 6.13 -12.83
C TRP A 59 -12.76 4.95 -13.67
N SER A 60 -12.01 4.56 -14.70
CA SER A 60 -12.42 3.42 -15.53
C SER A 60 -11.88 2.12 -14.97
N LYS A 61 -12.79 1.16 -14.83
CA LYS A 61 -12.46 -0.14 -14.27
C LYS A 61 -11.33 -0.87 -14.97
N ASN A 62 -10.40 -1.41 -14.18
CA ASN A 62 -9.37 -2.30 -14.69
C ASN A 62 -9.96 -3.72 -14.64
N GLY A 63 -10.27 -4.26 -15.82
CA GLY A 63 -10.84 -5.60 -15.91
C GLY A 63 -9.87 -6.71 -15.62
N PRO A 64 -10.39 -7.93 -15.50
CA PRO A 64 -9.60 -9.10 -15.19
C PRO A 64 -8.41 -9.32 -16.11
N SER A 65 -8.54 -9.20 -17.43
CA SER A 65 -7.36 -9.39 -18.28
C SER A 65 -6.28 -8.36 -18.03
N ASP A 66 -6.68 -7.12 -17.75
CA ASP A 66 -5.73 -6.03 -17.47
C ASP A 66 -5.02 -6.36 -16.16
N VAL A 67 -5.80 -6.77 -15.15
CA VAL A 67 -5.14 -7.10 -13.88
C VAL A 67 -4.23 -8.32 -13.98
N ALA A 68 -4.59 -9.30 -14.81
CA ALA A 68 -3.74 -10.46 -15.03
C ALA A 68 -2.40 -10.04 -15.63
N ASN A 69 -2.46 -9.09 -16.56
CA ASN A 69 -1.28 -8.56 -17.21
C ASN A 69 -0.38 -7.84 -16.21
N VAL A 70 -0.99 -7.04 -15.33
CA VAL A 70 -0.22 -6.35 -14.29
C VAL A 70 0.53 -7.35 -13.43
N ILE A 71 -0.16 -8.41 -12.99
CA ILE A 71 0.45 -9.44 -12.15
C ILE A 71 1.62 -10.10 -12.88
N SER A 72 1.41 -10.41 -14.18
CA SER A 72 2.51 -10.99 -14.96
C SER A 72 3.69 -10.03 -15.05
N LEU A 73 3.48 -8.72 -15.17
CA LEU A 73 4.55 -7.73 -15.22
C LEU A 73 5.31 -7.64 -13.91
N CYS A 74 4.58 -7.73 -12.80
CA CYS A 74 5.21 -7.77 -11.49
C CYS A 74 6.11 -9.02 -11.44
N LYS A 75 5.55 -10.18 -11.78
CA LYS A 75 6.31 -11.42 -11.68
C LYS A 75 7.51 -11.45 -12.60
N GLN A 76 7.36 -11.00 -13.84
CA GLN A 76 8.45 -10.95 -14.79
C GLN A 76 9.61 -10.10 -14.31
N ASN A 77 9.30 -9.04 -13.56
CA ASN A 77 10.28 -8.12 -13.03
C ASN A 77 10.64 -8.39 -11.58
N ARG A 78 10.28 -9.55 -11.05
CA ARG A 78 10.63 -9.98 -9.71
C ARG A 78 10.28 -8.92 -8.67
N LEU A 79 9.04 -8.48 -8.80
CA LEU A 79 8.49 -7.50 -7.86
C LEU A 79 7.27 -8.09 -7.17
N ILE A 80 7.10 -7.86 -5.88
CA ILE A 80 5.86 -8.19 -5.19
C ILE A 80 4.88 -7.11 -5.64
N CYS A 81 3.67 -7.47 -5.94
CA CYS A 81 2.62 -6.61 -6.48
C CYS A 81 1.56 -6.29 -5.42
N MET A 82 1.51 -5.02 -5.02
CA MET A 82 0.46 -4.62 -4.08
C MET A 82 -0.64 -3.92 -4.88
N LEU A 83 -1.77 -4.55 -5.07
CA LEU A 83 -2.85 -3.94 -5.86
C LEU A 83 -3.76 -3.12 -4.97
N GLU A 84 -4.20 -1.95 -5.43
CA GLU A 84 -5.07 -1.16 -4.56
C GLU A 84 -6.18 -0.50 -5.38
N VAL A 85 -7.38 -0.44 -4.80
CA VAL A 85 -8.50 0.27 -5.48
C VAL A 85 -8.50 1.73 -5.01
N HIS A 86 -8.29 2.66 -5.94
CA HIS A 86 -8.14 4.06 -5.55
C HIS A 86 -9.43 4.81 -5.35
N ASP A 87 -10.54 4.26 -5.85
CA ASP A 87 -11.80 5.00 -5.87
C ASP A 87 -12.40 5.30 -4.51
N THR A 88 -11.99 4.62 -3.46
CA THR A 88 -12.49 4.83 -2.11
C THR A 88 -11.97 6.09 -1.46
N THR A 89 -10.95 6.69 -2.04
CA THR A 89 -10.26 7.84 -1.47
C THR A 89 -11.20 8.93 -0.98
N GLY A 90 -11.08 9.25 0.30
CA GLY A 90 -11.85 10.33 0.88
C GLY A 90 -13.33 10.14 1.09
N TYR A 91 -13.83 8.92 1.06
CA TYR A 91 -15.27 8.68 1.23
C TYR A 91 -15.82 9.40 2.46
N GLY A 92 -17.00 10.01 2.32
CA GLY A 92 -17.60 10.76 3.40
C GLY A 92 -17.41 12.26 3.22
N GLU A 93 -16.37 12.62 2.48
CA GLU A 93 -16.02 13.99 2.17
C GLU A 93 -15.89 14.22 0.67
N GLN A 94 -15.21 13.32 -0.02
CA GLN A 94 -15.00 13.39 -1.46
C GLN A 94 -16.26 12.96 -2.20
N SER A 95 -16.78 13.85 -3.06
CA SER A 95 -17.94 13.48 -3.83
C SER A 95 -17.64 12.35 -4.81
N GLY A 96 -18.54 11.38 -4.88
CA GLY A 96 -18.43 10.27 -5.82
C GLY A 96 -17.52 9.14 -5.41
N ALA A 97 -16.99 9.16 -4.18
CA ALA A 97 -16.10 8.07 -3.79
C ALA A 97 -16.84 6.76 -3.60
N SER A 98 -16.11 5.68 -3.77
CA SER A 98 -16.55 4.31 -3.55
C SER A 98 -16.56 3.99 -2.05
N THR A 99 -17.45 3.09 -1.63
CA THR A 99 -17.38 2.55 -0.29
C THR A 99 -16.44 1.33 -0.34
N LEU A 100 -16.04 0.86 0.84
CA LEU A 100 -15.22 -0.33 0.93
C LEU A 100 -15.99 -1.54 0.39
N ASP A 101 -17.30 -1.56 0.61
CA ASP A 101 -18.12 -2.65 0.13
C ASP A 101 -18.09 -2.72 -1.38
N GLN A 102 -18.09 -1.58 -2.08
CA GLN A 102 -17.99 -1.58 -3.54
C GLN A 102 -16.60 -2.02 -3.99
N ALA A 103 -15.56 -1.71 -3.21
CA ALA A 103 -14.22 -2.21 -3.51
C ALA A 103 -14.23 -3.73 -3.40
N VAL A 104 -14.82 -4.28 -2.35
CA VAL A 104 -14.88 -5.73 -2.18
C VAL A 104 -15.63 -6.41 -3.31
N ASP A 105 -16.70 -5.85 -3.81
CA ASP A 105 -17.42 -6.38 -4.97
C ASP A 105 -16.46 -6.57 -6.15
N TYR A 106 -15.57 -5.59 -6.35
CA TYR A 106 -14.61 -5.66 -7.45
C TYR A 106 -13.55 -6.72 -7.20
N TRP A 107 -12.99 -6.81 -5.99
CA TRP A 107 -12.01 -7.85 -5.71
C TRP A 107 -12.61 -9.22 -5.98
N ILE A 108 -13.86 -9.43 -5.56
CA ILE A 108 -14.53 -10.71 -5.81
C ILE A 108 -14.69 -10.98 -7.30
N GLU A 109 -14.96 -9.96 -8.09
CA GLU A 109 -15.03 -10.11 -9.54
C GLU A 109 -13.71 -10.58 -10.13
N LEU A 110 -12.59 -10.22 -9.53
CA LEU A 110 -11.26 -10.62 -9.94
C LEU A 110 -10.79 -11.91 -9.30
N LYS A 111 -11.61 -12.63 -8.56
CA LYS A 111 -11.20 -13.83 -7.85
C LYS A 111 -10.44 -14.81 -8.73
N SER A 112 -10.92 -15.08 -9.95
CA SER A 112 -10.24 -16.02 -10.81
C SER A 112 -8.83 -15.60 -11.20
N VAL A 113 -8.50 -14.31 -11.28
CA VAL A 113 -7.12 -13.94 -11.62
C VAL A 113 -6.25 -13.76 -10.39
N LEU A 114 -6.86 -13.64 -9.22
CA LEU A 114 -6.07 -13.45 -8.00
C LEU A 114 -5.79 -14.73 -7.23
N GLN A 115 -6.73 -15.68 -7.24
CA GLN A 115 -6.49 -16.94 -6.54
C GLN A 115 -5.27 -17.64 -7.13
N GLY A 116 -4.42 -18.16 -6.26
CA GLY A 116 -3.21 -18.85 -6.62
C GLY A 116 -1.97 -17.96 -6.73
N GLU A 117 -2.17 -16.66 -6.51
CA GLU A 117 -1.10 -15.69 -6.56
C GLU A 117 -0.76 -15.13 -5.18
N GLU A 118 -1.05 -15.87 -4.12
CA GLU A 118 -0.81 -15.44 -2.76
C GLU A 118 0.64 -15.22 -2.39
N ASP A 119 1.59 -15.80 -3.11
CA ASP A 119 3.00 -15.60 -2.88
C ASP A 119 3.47 -14.30 -3.51
N TYR A 120 2.68 -13.73 -4.43
CA TYR A 120 3.15 -12.60 -5.21
C TYR A 120 2.36 -11.31 -5.05
N VAL A 121 1.12 -11.42 -4.58
CA VAL A 121 0.21 -10.28 -4.57
C VAL A 121 -0.34 -9.99 -3.19
N LEU A 122 -0.31 -8.72 -2.81
CA LEU A 122 -0.94 -8.23 -1.60
C LEU A 122 -2.16 -7.40 -2.02
N ILE A 123 -3.28 -7.53 -1.31
CA ILE A 123 -4.47 -6.79 -1.67
C ILE A 123 -4.72 -5.63 -0.72
N ASN A 124 -4.53 -4.41 -1.22
CA ASN A 124 -4.76 -3.20 -0.39
C ASN A 124 -6.22 -2.82 -0.70
N ILE A 125 -7.15 -3.14 0.21
CA ILE A 125 -8.57 -3.15 -0.08
C ILE A 125 -9.10 -1.91 -0.77
N GLY A 126 -8.77 -0.76 -0.21
CA GLY A 126 -9.17 0.53 -0.77
C GLY A 126 -8.25 1.59 -0.18
N ASN A 127 -7.80 2.48 -1.05
CA ASN A 127 -6.94 3.59 -0.67
C ASN A 127 -7.67 4.61 0.22
N GLU A 128 -7.02 5.08 1.27
CA GLU A 128 -7.49 6.16 2.15
C GLU A 128 -8.99 6.25 2.18
N PRO A 129 -9.66 5.27 2.76
CA PRO A 129 -11.09 5.07 2.50
C PRO A 129 -12.05 6.01 3.16
N TYR A 130 -11.57 6.90 4.02
CA TYR A 130 -12.41 7.91 4.65
C TYR A 130 -11.64 9.24 4.60
N GLY A 131 -12.37 10.31 4.43
CA GLY A 131 -11.89 11.67 4.57
C GLY A 131 -11.93 12.01 6.07
N ASN A 132 -12.38 13.22 6.38
CA ASN A 132 -12.40 13.70 7.76
C ASN A 132 -13.80 13.81 8.37
N ASP A 133 -14.83 13.51 7.60
CA ASP A 133 -16.21 13.57 8.14
C ASP A 133 -16.34 12.67 9.35
N SER A 134 -16.70 13.22 10.50
CA SER A 134 -16.73 12.47 11.73
C SER A 134 -17.63 11.25 11.75
N ALA A 135 -18.83 11.37 11.17
CA ALA A 135 -19.78 10.26 11.22
C ALA A 135 -19.26 9.04 10.46
N THR A 136 -18.53 9.27 9.38
CA THR A 136 -18.04 8.17 8.58
C THR A 136 -16.70 7.68 9.09
N VAL A 137 -15.86 8.57 9.62
CA VAL A 137 -14.61 8.11 10.26
C VAL A 137 -14.92 7.15 11.39
N ALA A 138 -16.02 7.42 12.11
CA ALA A 138 -16.43 6.55 13.20
C ALA A 138 -16.80 5.15 12.76
N ALA A 139 -17.09 4.91 11.50
CA ALA A 139 -17.38 3.61 10.97
C ALA A 139 -16.14 2.88 10.46
N TRP A 140 -14.93 3.45 10.56
CA TRP A 140 -13.76 2.80 10.00
C TRP A 140 -13.60 1.37 10.46
N ALA A 141 -13.63 1.11 11.76
CA ALA A 141 -13.33 -0.22 12.26
C ALA A 141 -14.40 -1.22 11.83
N THR A 142 -15.67 -0.84 11.96
CA THR A 142 -16.73 -1.77 11.57
C THR A 142 -16.75 -2.02 10.07
N ASP A 143 -16.61 -0.99 9.24
CA ASP A 143 -16.60 -1.17 7.80
C ASP A 143 -15.39 -2.00 7.34
N THR A 144 -14.23 -1.72 7.94
CA THR A 144 -13.01 -2.45 7.57
C THR A 144 -13.11 -3.93 7.93
N SER A 145 -13.61 -4.23 9.14
CA SER A 145 -13.80 -5.61 9.58
C SER A 145 -14.79 -6.32 8.66
N ALA A 146 -15.85 -5.62 8.26
CA ALA A 146 -16.86 -6.21 7.38
C ALA A 146 -16.26 -6.57 6.03
N ALA A 147 -15.39 -5.70 5.50
CA ALA A 147 -14.74 -5.97 4.22
C ALA A 147 -13.81 -7.17 4.33
N ILE A 148 -13.02 -7.27 5.39
CA ILE A 148 -12.14 -8.41 5.59
C ILE A 148 -12.95 -9.70 5.64
N GLN A 149 -14.03 -9.68 6.42
CA GLN A 149 -14.90 -10.85 6.56
C GLN A 149 -15.49 -11.30 5.24
N ARG A 150 -15.91 -10.38 4.40
CA ARG A 150 -16.48 -10.68 3.09
C ARG A 150 -15.43 -11.32 2.20
N LEU A 151 -14.20 -10.81 2.22
CA LEU A 151 -13.13 -11.37 1.41
C LEU A 151 -12.77 -12.76 1.90
N ARG A 152 -12.69 -12.99 3.21
CA ARG A 152 -12.34 -14.32 3.68
C ARG A 152 -13.47 -15.31 3.37
N ALA A 153 -14.71 -14.85 3.45
CA ALA A 153 -15.85 -15.72 3.13
C ALA A 153 -15.86 -16.12 1.66
N ALA A 154 -15.34 -15.26 0.79
CA ALA A 154 -15.26 -15.51 -0.63
C ALA A 154 -14.05 -16.37 -1.02
N GLY A 155 -13.26 -16.78 -0.05
CA GLY A 155 -12.14 -17.67 -0.24
C GLY A 155 -10.79 -17.02 -0.46
N PHE A 156 -10.67 -15.72 -0.20
CA PHE A 156 -9.38 -15.06 -0.40
C PHE A 156 -8.42 -15.43 0.71
N GLU A 157 -7.22 -15.90 0.39
CA GLU A 157 -6.23 -16.25 1.39
C GLU A 157 -5.04 -15.30 1.40
N HIS A 158 -5.05 -14.30 0.51
CA HIS A 158 -3.96 -13.33 0.47
C HIS A 158 -3.86 -12.53 1.77
N THR A 159 -2.68 -11.93 1.92
CA THR A 159 -2.51 -10.97 2.99
C THR A 159 -3.21 -9.69 2.49
N LEU A 160 -4.03 -9.13 3.34
CA LEU A 160 -4.78 -7.92 3.07
C LEU A 160 -4.13 -6.71 3.75
N VAL A 161 -4.13 -5.58 3.06
CA VAL A 161 -3.55 -4.34 3.57
C VAL A 161 -4.67 -3.32 3.69
N VAL A 162 -4.87 -2.79 4.91
CA VAL A 162 -5.96 -1.84 5.13
C VAL A 162 -5.45 -0.46 5.50
N ASP A 163 -6.05 0.57 4.88
CA ASP A 163 -5.66 1.94 5.06
C ASP A 163 -6.48 2.60 6.16
N ALA A 164 -5.92 3.70 6.65
CA ALA A 164 -6.55 4.49 7.72
C ALA A 164 -7.52 5.53 7.24
N PRO A 165 -8.33 6.08 8.14
CA PRO A 165 -9.23 7.20 7.85
C PRO A 165 -8.44 8.50 7.87
N ASN A 166 -9.13 9.63 7.75
CA ASN A 166 -8.50 10.94 7.69
C ASN A 166 -7.53 11.04 6.52
N TRP A 167 -8.02 10.61 5.35
CA TRP A 167 -7.24 10.62 4.12
C TRP A 167 -5.94 9.85 4.29
N GLY A 168 -6.00 8.72 5.00
CA GLY A 168 -4.84 7.89 5.23
C GLY A 168 -3.91 8.30 6.35
N GLN A 169 -4.03 9.50 6.91
CA GLN A 169 -3.07 9.99 7.89
C GLN A 169 -3.46 9.70 9.34
N ASP A 170 -4.69 9.28 9.56
CA ASP A 170 -5.11 8.90 10.92
C ASP A 170 -4.81 9.93 11.99
N TRP A 171 -5.05 11.23 11.73
CA TRP A 171 -4.73 12.23 12.75
C TRP A 171 -5.68 12.17 13.94
N THR A 172 -6.83 11.47 13.83
CA THR A 172 -7.71 11.23 14.95
C THR A 172 -7.27 10.02 15.79
N ASN A 173 -6.29 9.28 15.30
CA ASN A 173 -5.78 8.09 15.91
C ASN A 173 -6.85 7.00 16.03
N THR A 174 -7.79 6.99 15.09
CA THR A 174 -8.84 6.01 14.99
C THR A 174 -8.29 4.64 14.64
N MET A 175 -7.40 4.58 13.63
CA MET A 175 -6.79 3.29 13.33
C MET A 175 -5.85 2.84 14.43
N ARG A 176 -5.07 3.79 14.97
CA ARG A 176 -4.14 3.46 16.06
C ARG A 176 -4.86 2.86 17.26
N ASN A 177 -6.00 3.41 17.64
CA ASN A 177 -6.73 2.93 18.83
C ASN A 177 -7.62 1.74 18.61
N ASN A 178 -7.96 1.43 17.36
CA ASN A 178 -8.88 0.35 17.07
C ASN A 178 -8.34 -0.74 16.17
N ALA A 179 -7.05 -0.74 15.87
CA ALA A 179 -6.48 -1.78 15.01
C ALA A 179 -6.57 -3.15 15.65
N ASP A 180 -6.49 -3.25 16.98
CA ASP A 180 -6.62 -4.54 17.65
C ASP A 180 -7.96 -5.21 17.37
N GLN A 181 -9.03 -4.44 17.38
CA GLN A 181 -10.37 -4.90 17.06
C GLN A 181 -10.47 -5.40 15.64
N VAL A 182 -9.86 -4.66 14.70
CA VAL A 182 -9.90 -5.06 13.30
C VAL A 182 -9.06 -6.31 13.06
N TYR A 183 -7.88 -6.38 13.68
CA TYR A 183 -7.01 -7.53 13.51
C TYR A 183 -7.67 -8.80 14.02
N ALA A 184 -8.38 -8.72 15.15
CA ALA A 184 -9.11 -9.86 15.69
C ALA A 184 -10.17 -10.39 14.72
N SER A 185 -10.69 -9.52 13.86
CA SER A 185 -11.78 -9.91 12.96
C SER A 185 -11.29 -10.76 11.80
N ASP A 186 -9.98 -10.82 11.55
CA ASP A 186 -9.48 -11.66 10.46
C ASP A 186 -9.14 -13.03 11.05
N PRO A 187 -9.88 -14.08 10.69
CA PRO A 187 -9.63 -15.41 11.20
C PRO A 187 -8.23 -15.92 10.97
N THR A 188 -7.61 -15.54 9.86
CA THR A 188 -6.31 -16.00 9.44
C THR A 188 -5.15 -15.19 10.00
N GLY A 189 -5.42 -13.99 10.53
CA GLY A 189 -4.39 -13.10 11.03
C GLY A 189 -3.56 -12.44 9.95
N ASN A 190 -3.93 -12.59 8.69
CA ASN A 190 -3.15 -12.04 7.58
C ASN A 190 -3.66 -10.71 7.07
N THR A 191 -3.67 -9.75 7.99
CA THR A 191 -4.04 -8.36 7.77
C THR A 191 -2.91 -7.45 8.23
N VAL A 192 -2.57 -6.49 7.43
CA VAL A 192 -1.51 -5.51 7.70
C VAL A 192 -2.13 -4.12 7.62
N PHE A 193 -1.81 -3.25 8.58
CA PHE A 193 -2.28 -1.88 8.62
C PHE A 193 -1.32 -0.97 7.84
N SER A 194 -1.87 0.04 7.18
CA SER A 194 -1.05 0.95 6.40
C SER A 194 -1.32 2.41 6.76
N ILE A 195 -0.27 3.12 7.13
CA ILE A 195 -0.36 4.53 7.43
C ILE A 195 0.22 5.34 6.28
N HIS A 196 -0.40 6.45 5.92
CA HIS A 196 0.09 7.36 4.90
C HIS A 196 0.62 8.62 5.60
N MET A 197 1.88 8.96 5.39
CA MET A 197 2.47 10.07 6.13
C MET A 197 2.78 11.27 5.26
N TYR A 198 1.93 12.29 5.42
CA TYR A 198 2.13 13.58 4.75
C TYR A 198 2.26 14.69 5.78
N GLY A 199 1.54 15.82 5.69
CA GLY A 199 1.79 16.94 6.58
C GLY A 199 1.52 16.78 8.05
N VAL A 200 0.74 15.74 8.43
CA VAL A 200 0.51 15.49 9.84
C VAL A 200 1.81 15.04 10.50
N TYR A 201 2.71 14.48 9.74
CA TYR A 201 3.95 13.86 10.15
C TYR A 201 5.19 14.69 9.83
N SER A 202 5.04 15.99 10.09
CA SER A 202 6.19 16.89 9.88
C SER A 202 7.15 16.83 11.05
N GLN A 203 6.71 16.37 12.21
CA GLN A 203 7.55 16.25 13.38
C GLN A 203 7.97 14.82 13.66
N ALA A 204 9.27 14.69 13.94
CA ALA A 204 9.86 13.40 14.26
C ALA A 204 9.17 12.75 15.46
N SER A 205 8.80 13.50 16.49
CA SER A 205 8.13 12.92 17.64
C SER A 205 6.83 12.24 17.26
N THR A 206 6.05 12.80 16.35
CA THR A 206 4.78 12.18 15.94
C THR A 206 5.02 10.90 15.18
N ILE A 207 6.02 10.94 14.28
CA ILE A 207 6.35 9.74 13.51
C ILE A 207 6.77 8.59 14.40
N THR A 208 7.74 8.85 15.28
CA THR A 208 8.26 7.80 16.16
C THR A 208 7.19 7.22 17.06
N SER A 209 6.35 8.08 17.64
CA SER A 209 5.29 7.65 18.53
C SER A 209 4.30 6.72 17.83
N TYR A 210 3.95 7.07 16.59
CA TYR A 210 2.95 6.29 15.85
C TYR A 210 3.51 4.92 15.49
N LEU A 211 4.74 4.90 14.96
CA LEU A 211 5.35 3.65 14.53
C LEU A 211 5.61 2.70 15.70
N GLU A 212 6.11 3.24 16.80
CA GLU A 212 6.41 2.45 17.99
C GLU A 212 5.15 1.89 18.63
N HIS A 213 4.02 2.62 18.53
CA HIS A 213 2.79 2.07 19.09
C HIS A 213 2.46 0.73 18.44
N PHE A 214 2.58 0.65 17.11
CA PHE A 214 2.28 -0.59 16.39
C PHE A 214 3.31 -1.68 16.66
N VAL A 215 4.60 -1.34 16.59
CA VAL A 215 5.64 -2.33 16.85
C VAL A 215 5.55 -2.90 18.25
N ASN A 216 5.35 -2.04 19.25
CA ASN A 216 5.28 -2.52 20.63
C ASN A 216 4.08 -3.39 20.90
N ALA A 217 2.97 -3.17 20.17
CA ALA A 217 1.77 -3.95 20.37
C ALA A 217 1.73 -5.20 19.52
N GLY A 218 2.67 -5.38 18.59
CA GLY A 218 2.62 -6.54 17.70
C GLY A 218 1.59 -6.39 16.60
N LEU A 219 1.22 -5.16 16.26
CA LEU A 219 0.28 -4.91 15.16
C LEU A 219 1.09 -4.66 13.90
N PRO A 220 0.87 -5.44 12.85
CA PRO A 220 1.64 -5.27 11.62
C PRO A 220 1.35 -3.94 10.96
N LEU A 221 2.40 -3.29 10.50
CA LEU A 221 2.25 -1.96 9.90
C LEU A 221 3.25 -1.74 8.76
N ILE A 222 2.77 -1.02 7.76
CA ILE A 222 3.63 -0.51 6.71
C ILE A 222 3.32 0.97 6.54
N ILE A 223 4.28 1.71 6.00
CA ILE A 223 4.07 3.12 5.64
C ILE A 223 3.74 3.02 4.14
N GLY A 224 2.45 2.93 3.81
CA GLY A 224 1.99 2.69 2.46
C GLY A 224 2.16 3.82 1.47
N GLU A 225 2.24 5.04 1.97
CA GLU A 225 2.54 6.22 1.20
C GLU A 225 3.25 7.23 2.09
N PHE A 226 4.20 7.95 1.52
CA PHE A 226 4.78 9.08 2.19
C PHE A 226 5.36 10.00 1.10
N GLY A 227 5.52 11.25 1.49
CA GLY A 227 6.10 12.24 0.60
C GLY A 227 7.36 12.83 1.22
N HIS A 228 7.70 14.02 0.76
CA HIS A 228 8.93 14.66 1.28
C HIS A 228 8.66 16.06 1.72
N ASN A 234 4.35 18.81 4.97
CA ASN A 234 5.76 18.62 4.72
C ASN A 234 6.25 17.54 5.69
N PRO A 235 6.04 16.29 5.31
CA PRO A 235 6.49 15.18 6.13
C PRO A 235 8.01 15.17 6.23
N ASP A 236 8.53 14.71 7.36
CA ASP A 236 9.98 14.59 7.54
C ASP A 236 10.40 13.23 6.99
N GLU A 237 10.75 13.17 5.71
CA GLU A 237 11.11 11.92 5.07
C GLU A 237 12.41 11.34 5.61
N ASP A 238 13.31 12.20 6.11
CA ASP A 238 14.56 11.65 6.66
C ASP A 238 14.26 10.79 7.88
N THR A 239 13.33 11.25 8.74
CA THR A 239 12.99 10.48 9.93
C THR A 239 12.11 9.28 9.59
N ILE A 240 11.19 9.47 8.64
CA ILE A 240 10.35 8.32 8.25
C ILE A 240 11.23 7.17 7.75
N MET A 241 12.18 7.44 6.86
CA MET A 241 13.01 6.37 6.30
C MET A 241 13.95 5.78 7.33
N ALA A 242 14.52 6.60 8.22
CA ALA A 242 15.39 6.15 9.28
C ALA A 242 14.68 5.26 10.29
N GLU A 243 13.47 5.68 10.67
CA GLU A 243 12.70 4.90 11.63
C GLU A 243 12.19 3.61 11.01
N ALA A 244 11.83 3.63 9.71
CA ALA A 244 11.43 2.39 9.05
C ALA A 244 12.58 1.38 9.03
N GLU A 245 13.81 1.87 8.86
CA GLU A 245 14.97 0.99 8.90
C GLU A 245 15.23 0.50 10.32
N ARG A 246 15.17 1.38 11.31
CA ARG A 246 15.42 1.01 12.69
C ARG A 246 14.46 -0.04 13.21
N LEU A 247 13.17 0.12 12.91
CA LEU A 247 12.12 -0.75 13.38
C LEU A 247 11.81 -1.90 12.43
N LYS A 248 12.48 -1.91 11.28
CA LYS A 248 12.28 -2.94 10.27
C LYS A 248 10.84 -2.99 9.79
N LEU A 249 10.35 -1.86 9.33
CA LEU A 249 9.03 -1.69 8.78
C LEU A 249 9.09 -1.40 7.28
N GLY A 250 8.12 -1.92 6.53
CA GLY A 250 8.03 -1.61 5.10
C GLY A 250 7.61 -0.18 4.84
N TYR A 251 8.03 0.34 3.68
CA TYR A 251 7.61 1.68 3.26
C TYR A 251 7.48 1.72 1.75
N ILE A 252 6.56 2.57 1.31
CA ILE A 252 6.25 2.70 -0.13
C ILE A 252 6.12 4.19 -0.41
N GLY A 253 6.97 4.74 -1.26
CA GLY A 253 6.88 6.17 -1.55
C GLY A 253 5.85 6.48 -2.61
N TRP A 254 5.35 7.71 -2.62
CA TRP A 254 4.43 8.18 -3.66
C TRP A 254 5.14 9.28 -4.42
N SER A 255 5.27 9.23 -5.74
CA SER A 255 4.92 8.12 -6.59
C SER A 255 5.88 8.16 -7.79
N TRP A 256 5.84 7.15 -8.65
CA TRP A 256 6.83 7.05 -9.73
C TRP A 256 6.87 8.28 -10.63
N SER A 257 5.73 8.65 -11.18
CA SER A 257 5.64 9.84 -12.04
C SER A 257 4.18 10.16 -12.30
N GLY A 258 3.94 11.21 -13.06
CA GLY A 258 2.62 11.58 -13.50
C GLY A 258 1.66 12.22 -12.56
N ASN A 259 2.14 12.77 -11.44
CA ASN A 259 1.25 13.46 -10.53
C ASN A 259 0.63 14.69 -11.19
N GLY A 260 -0.61 14.96 -10.82
CA GLY A 260 -1.35 16.13 -11.23
C GLY A 260 -1.96 16.76 -9.97
N GLY A 261 -2.96 17.61 -10.07
CA GLY A 261 -3.57 18.24 -8.92
C GLY A 261 -2.70 19.00 -7.97
N GLY A 262 -1.62 19.66 -8.40
CA GLY A 262 -0.77 20.46 -7.56
C GLY A 262 0.22 19.67 -6.72
N VAL A 263 0.49 18.43 -7.09
CA VAL A 263 1.40 17.57 -6.30
C VAL A 263 2.50 17.04 -7.18
N GLU A 264 2.85 17.83 -8.21
CA GLU A 264 3.87 17.51 -9.20
C GLU A 264 5.23 17.17 -8.59
N TYR A 265 5.58 17.82 -7.49
CA TYR A 265 6.80 17.63 -6.74
C TYR A 265 6.94 16.23 -6.14
N LEU A 266 5.90 15.40 -6.16
CA LEU A 266 5.97 14.02 -5.72
C LEU A 266 6.36 13.05 -6.83
N ASP A 267 6.64 13.52 -8.05
CA ASP A 267 7.16 12.64 -9.09
C ASP A 267 8.60 12.24 -8.78
N MET A 268 8.90 10.96 -8.81
CA MET A 268 10.24 10.47 -8.59
C MET A 268 11.11 10.58 -9.85
N VAL A 269 10.48 10.41 -11.00
CA VAL A 269 11.14 10.58 -12.29
C VAL A 269 10.27 11.51 -13.14
N TYR A 270 10.94 12.21 -14.07
CA TYR A 270 10.19 13.13 -14.92
C TYR A 270 9.65 12.45 -16.17
N ASN A 271 8.36 12.61 -16.42
CA ASN A 271 7.67 12.10 -17.58
C ASN A 271 7.89 10.64 -17.85
N PHE A 272 7.88 9.82 -16.81
CA PHE A 272 8.06 8.38 -16.88
C PHE A 272 9.36 7.92 -17.52
N ASP A 273 10.39 8.75 -17.48
CA ASP A 273 11.70 8.38 -17.99
C ASP A 273 12.52 7.85 -16.82
N GLY A 274 12.75 6.55 -16.78
CA GLY A 274 13.49 5.89 -15.74
C GLY A 274 14.87 6.41 -15.42
N ASP A 275 15.57 7.02 -16.37
CA ASP A 275 16.89 7.57 -16.16
C ASP A 275 16.86 9.05 -15.79
N ASN A 276 15.71 9.69 -15.65
CA ASN A 276 15.63 11.11 -15.36
C ASN A 276 14.99 11.33 -13.98
N LEU A 277 15.76 11.09 -12.93
CA LEU A 277 15.28 11.22 -11.56
C LEU A 277 15.20 12.66 -11.09
N SER A 278 14.14 12.98 -10.35
CA SER A 278 13.98 14.25 -9.68
C SER A 278 14.78 14.16 -8.38
N PRO A 279 14.90 15.23 -7.61
CA PRO A 279 15.55 15.20 -6.32
C PRO A 279 14.87 14.20 -5.37
N TRP A 280 13.55 14.09 -5.48
CA TRP A 280 12.80 13.14 -4.65
C TRP A 280 13.12 11.71 -5.05
N GLY A 281 13.16 11.39 -6.34
CA GLY A 281 13.58 10.06 -6.77
C GLY A 281 14.99 9.77 -6.30
N GLU A 282 15.92 10.72 -6.40
CA GLU A 282 17.28 10.50 -5.89
C GLU A 282 17.28 10.21 -4.40
N ARG A 283 16.46 10.94 -3.64
CA ARG A 283 16.39 10.76 -2.20
C ARG A 283 15.87 9.39 -1.81
N ILE A 284 14.71 9.02 -2.40
CA ILE A 284 14.13 7.75 -1.94
C ILE A 284 14.87 6.51 -2.40
N PHE A 285 15.48 6.54 -3.58
CA PHE A 285 16.20 5.36 -4.05
C PHE A 285 17.66 5.35 -3.57
N TYR A 286 18.31 6.50 -3.63
CA TYR A 286 19.77 6.53 -3.42
C TYR A 286 20.28 7.21 -2.18
N GLY A 287 19.44 7.89 -1.43
CA GLY A 287 19.88 8.54 -0.19
C GLY A 287 19.89 7.60 1.00
N PRO A 288 20.28 8.11 2.15
CA PRO A 288 20.37 7.32 3.37
C PRO A 288 19.08 6.60 3.67
N ASN A 289 19.15 5.32 4.00
CA ASN A 289 18.01 4.46 4.32
C ASN A 289 17.08 4.26 3.13
N GLY A 290 17.56 4.55 1.94
CA GLY A 290 16.80 4.46 0.72
C GLY A 290 16.67 3.05 0.17
N ILE A 291 15.89 2.95 -0.90
CA ILE A 291 15.53 1.67 -1.49
C ILE A 291 16.69 0.86 -2.01
N ALA A 292 17.57 1.48 -2.80
CA ALA A 292 18.69 0.75 -3.37
C ALA A 292 19.61 0.14 -2.34
N SER A 293 19.81 0.80 -1.20
CA SER A 293 20.72 0.25 -0.21
C SER A 293 20.09 -0.67 0.81
N THR A 294 18.75 -0.65 0.92
CA THR A 294 18.11 -1.44 1.97
C THR A 294 17.21 -2.53 1.45
N ALA A 295 16.72 -2.44 0.22
CA ALA A 295 15.80 -3.45 -0.27
C ALA A 295 16.45 -4.79 -0.59
N LYS A 296 15.77 -5.87 -0.30
CA LYS A 296 16.12 -7.22 -0.65
C LYS A 296 14.98 -7.80 -1.49
N GLU A 297 15.32 -8.45 -2.61
CA GLU A 297 14.33 -9.09 -3.45
C GLU A 297 13.59 -10.17 -2.69
N ALA A 298 12.31 -10.38 -2.94
CA ALA A 298 11.56 -11.46 -2.31
C ALA A 298 12.23 -12.78 -2.72
N VAL A 299 12.32 -13.71 -1.78
CA VAL A 299 13.02 -14.96 -2.04
C VAL A 299 12.23 -15.91 -2.90
N ILE A 300 10.93 -15.72 -3.07
CA ILE A 300 10.08 -16.55 -3.91
C ILE A 300 10.56 -16.54 -5.36
N PHE A 301 11.26 -15.50 -5.79
CA PHE A 301 11.75 -15.41 -7.15
C PHE A 301 13.05 -16.15 -7.41
N GLY A 302 13.76 -16.57 -6.37
CA GLY A 302 15.02 -17.29 -6.62
C GLY A 302 14.76 -18.79 -6.56
#